data_3SNM
#
_entry.id   3SNM
#
_cell.length_a   67.190
_cell.length_b   70.740
_cell.length_c   97.750
_cell.angle_alpha   90.00
_cell.angle_beta   90.00
_cell.angle_gamma   90.00
#
_symmetry.space_group_name_H-M   'I 2 2 2'
#
loop_
_entity.id
_entity.type
_entity.pdbx_description
1 polymer Concanavalin-A
2 non-polymer 'CALCIUM ION'
3 non-polymer 'MANGANESE (II) ION'
4 non-polymer INDOLE
5 non-polymer '1H-INDOL-3-YLACETIC ACID'
6 water water
#
_entity_poly.entity_id   1
_entity_poly.type   'polypeptide(L)'
_entity_poly.pdbx_seq_one_letter_code
;ADTIVAVELDTYPNTDIGDPSYPHIGIDIKSVRSKKTAKWNMQNGKVGTAHIIYNSVGKRLSAVVSYPNGDSATVSYDVD
LDNVLPEWVRVGLSASTGLYKETNTILSWSFTSKLKSNSTHETNALHFVFNQFSKDQKDLILQGDATTGTDGNLELTRVS
SNGSPQGSSVGRALFYAPVHIWESSAVVASFDATFTFLIKSSDSHPADGIAFFISNIDSSIPSGSTGRLLGLFPDAN
;
_entity_poly.pdbx_strand_id   A
#
loop_
_chem_comp.id
_chem_comp.type
_chem_comp.name
_chem_comp.formula
CA non-polymer 'CALCIUM ION' 'Ca 2'
IAC non-polymer '1H-INDOL-3-YLACETIC ACID' 'C10 H9 N O2'
IND non-polymer INDOLE 'C8 H7 N'
MN non-polymer 'MANGANESE (II) ION' 'Mn 2'
#
# COMPACT_ATOMS: atom_id res chain seq x y z
N ALA A 1 2.94 8.42 -17.33
CA ALA A 1 3.01 8.31 -15.85
C ALA A 1 2.62 6.86 -15.46
N ASP A 2 2.99 6.47 -14.24
CA ASP A 2 2.72 5.11 -13.78
C ASP A 2 1.24 4.87 -13.73
N THR A 3 0.80 3.73 -14.24
CA THR A 3 -0.60 3.39 -13.93
C THR A 3 -0.68 2.78 -12.54
N ILE A 4 -1.46 3.37 -11.66
CA ILE A 4 -1.44 2.88 -10.32
C ILE A 4 -2.87 2.51 -9.91
N VAL A 5 -3.01 1.42 -9.13
CA VAL A 5 -4.23 1.18 -8.29
C VAL A 5 -3.76 0.88 -6.91
N ALA A 6 -4.50 1.36 -5.91
CA ALA A 6 -3.97 1.22 -4.59
C ALA A 6 -5.04 1.27 -3.55
N VAL A 7 -4.73 0.64 -2.43
CA VAL A 7 -5.53 0.80 -1.24
C VAL A 7 -4.62 1.53 -0.31
N GLU A 8 -5.13 2.63 0.20
CA GLU A 8 -4.31 3.53 0.98
C GLU A 8 -4.75 3.54 2.40
N LEU A 9 -3.80 3.46 3.27
CA LEU A 9 -4.10 3.55 4.64
C LEU A 9 -3.63 4.99 4.91
N ASP A 10 -4.57 5.90 5.11
CA ASP A 10 -4.22 7.34 5.00
C ASP A 10 -4.33 7.99 6.33
N THR A 11 -3.19 8.17 6.96
CA THR A 11 -3.19 8.58 8.33
C THR A 11 -3.35 10.09 8.37
N TYR A 12 -3.01 10.81 7.32
CA TYR A 12 -3.10 12.28 7.37
C TYR A 12 -4.12 12.95 6.40
N PRO A 13 -5.15 13.60 6.95
CA PRO A 13 -6.19 14.33 6.17
C PRO A 13 -5.64 15.46 5.45
N ASN A 14 -5.43 15.32 4.15
CA ASN A 14 -5.08 16.46 3.30
C ASN A 14 -6.30 16.85 2.54
N THR A 15 -7.13 17.60 3.24
CA THR A 15 -8.43 17.88 2.70
C THR A 15 -8.39 19.03 1.67
N ASP A 16 -7.22 19.56 1.29
CA ASP A 16 -7.24 20.40 0.09
C ASP A 16 -7.00 19.62 -1.20
N ILE A 17 -6.90 18.30 -1.08
CA ILE A 17 -6.73 17.48 -2.28
C ILE A 17 -7.64 16.25 -2.25
N GLY A 18 -8.75 16.34 -1.55
CA GLY A 18 -9.68 15.25 -1.58
C GLY A 18 -9.77 14.44 -0.30
N ASP A 19 -8.73 14.29 0.50
CA ASP A 19 -9.01 13.48 1.70
C ASP A 19 -10.29 13.87 2.36
N PRO A 20 -10.99 12.91 2.99
CA PRO A 20 -11.94 13.42 3.93
C PRO A 20 -11.06 14.00 5.02
N SER A 21 -11.69 14.63 6.01
CA SER A 21 -10.93 15.31 7.04
C SER A 21 -10.90 14.41 8.27
N TYR A 22 -10.66 13.11 8.06
CA TYR A 22 -10.21 12.18 9.11
C TYR A 22 -9.17 11.24 8.52
N PRO A 23 -8.44 10.50 9.38
CA PRO A 23 -7.67 9.33 8.98
C PRO A 23 -8.63 8.46 8.21
N HIS A 24 -8.16 7.83 7.15
CA HIS A 24 -9.03 7.06 6.27
C HIS A 24 -8.27 5.94 5.50
N ILE A 25 -9.00 4.90 5.13
CA ILE A 25 -8.57 4.00 4.07
C ILE A 25 -9.21 4.36 2.78
N GLY A 26 -8.51 4.14 1.73
CA GLY A 26 -9.06 4.55 0.45
C GLY A 26 -8.67 3.60 -0.64
N ILE A 27 -9.59 3.40 -1.61
CA ILE A 27 -9.25 2.83 -2.91
C ILE A 27 -8.93 3.93 -3.87
N ASP A 28 -7.70 3.83 -4.43
CA ASP A 28 -7.19 4.79 -5.37
C ASP A 28 -7.07 4.11 -6.76
N ILE A 29 -7.69 4.72 -7.74
CA ILE A 29 -7.65 4.20 -9.10
C ILE A 29 -7.09 5.28 -9.96
N LYS A 30 -5.81 5.16 -10.29
CA LYS A 30 -5.24 6.07 -11.25
C LYS A 30 -5.27 7.49 -10.67
N SER A 31 -5.63 7.67 -9.41
CA SER A 31 -5.46 9.03 -8.94
C SER A 31 -5.24 9.01 -7.46
N VAL A 32 -4.72 10.07 -6.83
CA VAL A 32 -4.52 9.93 -5.38
C VAL A 32 -5.77 10.38 -4.64
N ARG A 33 -6.76 10.68 -5.41
CA ARG A 33 -7.94 11.20 -4.80
C ARG A 33 -8.87 10.07 -4.83
N SER A 34 -9.13 9.47 -3.68
CA SER A 34 -9.66 8.11 -3.63
C SER A 34 -11.09 8.00 -4.20
N LYS A 35 -11.32 7.08 -5.16
CA LYS A 35 -12.66 6.90 -5.67
C LYS A 35 -13.56 6.68 -4.49
N LYS A 36 -13.01 6.14 -3.42
CA LYS A 36 -13.81 5.75 -2.29
C LYS A 36 -12.96 5.66 -1.05
N THR A 37 -13.53 6.05 0.11
CA THR A 37 -12.80 5.97 1.37
C THR A 37 -13.68 5.60 2.56
N ALA A 38 -13.08 5.52 3.70
CA ALA A 38 -13.79 5.19 4.88
C ALA A 38 -13.04 5.76 6.05
N LYS A 39 -13.77 6.19 7.05
CA LYS A 39 -13.05 6.75 8.18
C LYS A 39 -12.23 5.57 8.82
N TRP A 40 -10.94 5.81 9.08
CA TRP A 40 -10.11 4.82 9.74
C TRP A 40 -9.43 5.44 10.99
N ASN A 41 -9.62 4.80 12.14
CA ASN A 41 -8.87 5.07 13.38
C ASN A 41 -7.45 4.46 13.42
N MET A 42 -6.45 5.13 12.90
CA MET A 42 -5.08 4.61 13.04
C MET A 42 -4.63 4.47 14.49
N GLN A 43 -4.64 3.28 15.07
CA GLN A 43 -4.21 3.12 16.47
C GLN A 43 -2.70 3.17 16.62
N ASN A 44 -2.23 4.27 17.18
CA ASN A 44 -0.80 4.54 17.26
C ASN A 44 -0.06 3.50 17.94
N GLY A 45 1.01 3.06 17.31
CA GLY A 45 1.82 2.13 17.99
C GLY A 45 1.33 0.71 17.99
N LYS A 46 0.12 0.43 17.46
CA LYS A 46 -0.41 -0.95 17.39
C LYS A 46 -0.14 -1.64 16.11
N VAL A 47 -0.06 -2.97 16.15
CA VAL A 47 0.14 -3.66 14.91
C VAL A 47 -1.19 -3.80 14.19
N GLY A 48 -1.16 -3.52 12.93
CA GLY A 48 -2.43 -3.57 12.22
C GLY A 48 -2.37 -4.53 11.06
N THR A 49 -3.54 -4.94 10.57
CA THR A 49 -3.54 -5.85 9.42
C THR A 49 -4.50 -5.30 8.38
N ALA A 50 -4.04 -5.26 7.13
CA ALA A 50 -4.79 -4.88 5.97
C ALA A 50 -5.00 -6.07 5.06
N HIS A 51 -6.25 -6.28 4.67
CA HIS A 51 -6.58 -7.26 3.66
C HIS A 51 -7.20 -6.53 2.49
N ILE A 52 -6.66 -6.80 1.31
CA ILE A 52 -7.21 -6.36 0.05
C ILE A 52 -7.60 -7.60 -0.78
N ILE A 53 -8.84 -7.58 -1.27
CA ILE A 53 -9.50 -8.61 -1.99
C ILE A 53 -10.09 -8.05 -3.29
N TYR A 54 -9.81 -8.66 -4.43
CA TYR A 54 -10.53 -8.35 -5.65
C TYR A 54 -10.67 -9.61 -6.51
N ASN A 55 -11.82 -9.77 -7.13
CA ASN A 55 -11.92 -10.76 -8.17
C ASN A 55 -12.53 -10.17 -9.41
N SER A 56 -12.19 -10.72 -10.57
CA SER A 56 -12.79 -10.27 -11.79
C SER A 56 -14.27 -10.53 -11.89
N VAL A 57 -14.79 -11.49 -11.13
CA VAL A 57 -16.20 -11.85 -11.30
C VAL A 57 -17.13 -10.82 -10.71
N GLY A 58 -17.09 -10.68 -9.39
CA GLY A 58 -17.82 -9.59 -8.73
C GLY A 58 -17.27 -8.21 -9.06
N LYS A 59 -15.98 -8.15 -9.47
CA LYS A 59 -15.35 -6.87 -9.86
C LYS A 59 -15.47 -5.71 -8.83
N ARG A 60 -15.16 -6.02 -7.60
CA ARG A 60 -15.31 -5.14 -6.47
C ARG A 60 -14.01 -5.20 -5.76
N LEU A 61 -13.29 -4.11 -5.69
CA LEU A 61 -12.08 -4.11 -4.91
C LEU A 61 -12.46 -3.73 -3.47
N SER A 62 -11.98 -4.52 -2.52
CA SER A 62 -12.27 -4.32 -1.14
C SER A 62 -11.02 -4.39 -0.32
N ALA A 63 -11.09 -3.74 0.84
CA ALA A 63 -9.99 -3.64 1.76
C ALA A 63 -10.59 -3.48 3.13
N VAL A 64 -10.11 -4.23 4.11
CA VAL A 64 -10.42 -4.02 5.51
C VAL A 64 -9.10 -3.75 6.14
N VAL A 65 -9.07 -2.75 7.00
CA VAL A 65 -7.95 -2.57 7.88
C VAL A 65 -8.47 -2.69 9.25
N SER A 66 -7.76 -3.45 10.05
CA SER A 66 -8.23 -3.54 11.39
C SER A 66 -7.12 -3.75 12.40
N TYR A 67 -7.49 -3.76 13.67
CA TYR A 67 -6.47 -3.87 14.73
C TYR A 67 -6.99 -4.91 15.64
N PRO A 68 -6.13 -5.42 16.55
CA PRO A 68 -6.35 -6.56 17.46
C PRO A 68 -7.47 -6.33 18.46
N ASN A 69 -7.83 -5.06 18.66
CA ASN A 69 -8.92 -4.76 19.58
C ASN A 69 -10.28 -4.82 18.90
N GLY A 70 -10.33 -5.02 17.56
CA GLY A 70 -11.60 -5.22 16.85
C GLY A 70 -12.06 -4.06 16.01
N ASP A 71 -11.62 -2.86 16.33
CA ASP A 71 -11.94 -1.78 15.42
C ASP A 71 -11.46 -2.20 14.12
N SER A 72 -12.06 -1.63 13.11
CA SER A 72 -11.85 -2.13 11.80
C SER A 72 -12.45 -1.17 10.84
N ALA A 73 -11.81 -0.93 9.71
CA ALA A 73 -12.46 -0.15 8.68
C ALA A 73 -12.42 -0.82 7.29
N THR A 74 -13.55 -0.69 6.59
CA THR A 74 -13.74 -1.34 5.32
C THR A 74 -14.03 -0.39 4.18
N VAL A 75 -13.51 -0.69 3.05
CA VAL A 75 -13.89 0.08 1.95
C VAL A 75 -14.01 -0.85 0.74
N SER A 76 -15.01 -0.54 -0.08
CA SER A 76 -15.20 -1.31 -1.30
C SER A 76 -15.45 -0.39 -2.50
N TYR A 77 -15.04 -0.83 -3.67
CA TYR A 77 -15.29 0.02 -4.83
C TYR A 77 -15.45 -0.83 -6.08
N ASP A 78 -16.58 -0.60 -6.77
CA ASP A 78 -16.93 -1.41 -7.93
C ASP A 78 -16.14 -0.80 -9.05
N VAL A 79 -15.27 -1.64 -9.62
CA VAL A 79 -14.43 -1.23 -10.70
C VAL A 79 -13.87 -2.43 -11.41
N ASP A 80 -13.69 -2.31 -12.72
CA ASP A 80 -13.11 -3.38 -13.50
C ASP A 80 -11.62 -3.26 -13.82
N LEU A 81 -10.79 -3.82 -12.95
CA LEU A 81 -9.36 -3.56 -13.01
C LEU A 81 -8.80 -4.03 -14.33
N ASP A 82 -9.57 -4.84 -15.05
CA ASP A 82 -9.22 -5.19 -16.44
C ASP A 82 -9.07 -3.96 -17.38
N ASN A 83 -9.69 -2.85 -17.02
CA ASN A 83 -9.66 -1.63 -17.81
C ASN A 83 -8.73 -0.58 -17.25
N VAL A 84 -8.10 -0.84 -16.12
CA VAL A 84 -7.20 0.16 -15.63
C VAL A 84 -5.80 -0.35 -15.59
N LEU A 85 -5.59 -1.64 -15.36
CA LEU A 85 -4.24 -2.13 -15.27
C LEU A 85 -3.73 -2.83 -16.51
N PRO A 86 -2.46 -2.72 -16.75
CA PRO A 86 -1.91 -3.49 -17.84
C PRO A 86 -1.95 -4.98 -17.47
N GLU A 87 -1.96 -5.86 -18.43
CA GLU A 87 -1.92 -7.29 -18.11
C GLU A 87 -0.91 -7.80 -17.09
N TRP A 88 0.25 -7.13 -17.05
CA TRP A 88 1.48 -7.48 -16.25
C TRP A 88 1.74 -6.29 -15.38
N VAL A 89 1.89 -6.56 -14.10
CA VAL A 89 2.13 -5.53 -13.14
C VAL A 89 3.16 -5.92 -12.16
N ARG A 90 3.46 -5.01 -11.26
CA ARG A 90 4.18 -5.41 -10.08
C ARG A 90 3.31 -5.11 -8.91
N VAL A 91 3.48 -5.81 -7.80
CA VAL A 91 2.68 -5.46 -6.65
C VAL A 91 3.63 -4.95 -5.61
N GLY A 92 3.16 -4.03 -4.77
CA GLY A 92 4.05 -3.70 -3.64
C GLY A 92 3.47 -2.77 -2.67
N LEU A 93 4.33 -2.26 -1.86
CA LEU A 93 3.83 -1.54 -0.76
C LEU A 93 4.52 -0.15 -0.85
N SER A 94 3.86 0.87 -0.36
CA SER A 94 4.46 2.19 -0.52
C SER A 94 4.19 2.98 0.70
N ALA A 95 5.12 3.80 1.14
CA ALA A 95 4.74 4.68 2.26
C ALA A 95 5.41 6.08 2.23
N SER A 96 4.88 7.03 2.97
CA SER A 96 5.53 8.30 2.95
C SER A 96 5.23 9.01 4.22
N THR A 97 6.13 9.90 4.58
CA THR A 97 5.89 10.89 5.64
C THR A 97 6.10 12.28 5.02
N GLY A 98 5.72 13.33 5.73
CA GLY A 98 5.93 14.66 5.12
C GLY A 98 6.42 15.61 6.17
N LEU A 99 5.61 16.61 6.41
CA LEU A 99 5.79 17.54 7.48
C LEU A 99 5.62 16.81 8.78
N TYR A 100 4.57 15.98 8.92
CA TYR A 100 4.49 15.00 10.02
C TYR A 100 4.91 13.64 9.53
N LYS A 101 5.10 12.71 10.45
CA LYS A 101 5.72 11.42 10.09
C LYS A 101 5.31 10.34 11.08
N GLU A 102 5.74 9.09 10.81
CA GLU A 102 5.37 7.93 11.57
C GLU A 102 6.32 6.83 11.16
N THR A 103 6.41 5.78 11.95
CA THR A 103 7.01 4.55 11.39
C THR A 103 6.03 4.00 10.34
N ASN A 104 6.57 3.52 9.23
CA ASN A 104 5.75 2.78 8.20
C ASN A 104 6.31 1.37 8.15
N THR A 105 6.30 0.73 9.31
CA THR A 105 6.91 -0.63 9.48
C THR A 105 5.86 -1.61 8.95
N ILE A 106 6.27 -2.44 8.00
CA ILE A 106 5.51 -3.61 7.49
C ILE A 106 6.07 -4.88 8.20
N LEU A 107 5.27 -5.56 8.97
CA LEU A 107 5.76 -6.79 9.61
C LEU A 107 5.53 -8.12 8.78
N SER A 108 4.53 -8.13 7.90
CA SER A 108 4.36 -9.27 7.00
C SER A 108 3.60 -8.77 5.81
N TRP A 109 3.78 -9.44 4.69
CA TRP A 109 3.01 -9.10 3.51
C TRP A 109 2.88 -10.37 2.77
N SER A 110 1.66 -10.71 2.35
CA SER A 110 1.39 -11.89 1.50
C SER A 110 0.50 -11.51 0.33
N PHE A 111 0.66 -12.20 -0.80
CA PHE A 111 -0.10 -11.76 -1.99
C PHE A 111 -0.48 -12.96 -2.81
N THR A 112 -1.68 -12.97 -3.41
CA THR A 112 -2.05 -14.09 -4.27
C THR A 112 -2.75 -13.54 -5.46
N SER A 113 -2.33 -13.91 -6.67
CA SER A 113 -3.16 -13.61 -7.77
C SER A 113 -3.35 -14.89 -8.47
N LYS A 114 -4.50 -15.05 -9.07
CA LYS A 114 -4.75 -16.27 -9.80
C LYS A 114 -5.39 -15.96 -11.12
N LEU A 115 -5.18 -16.82 -12.09
CA LEU A 115 -5.94 -16.63 -13.31
C LEU A 115 -6.44 -18.00 -13.62
N LYS A 116 -7.75 -18.20 -13.47
CA LYS A 116 -8.40 -19.50 -13.75
C LYS A 116 -9.14 -19.48 -15.07
N THR A 123 -5.67 -22.35 -14.45
CA THR A 123 -5.04 -21.59 -13.35
C THR A 123 -3.70 -21.46 -14.02
N ASN A 124 -2.94 -20.37 -14.12
CA ASN A 124 -2.03 -19.60 -13.36
C ASN A 124 -2.08 -18.92 -11.98
N ALA A 125 -1.07 -19.15 -11.17
CA ALA A 125 -1.17 -18.46 -9.92
C ALA A 125 0.15 -18.04 -9.40
N LEU A 126 0.19 -16.93 -8.65
CA LEU A 126 1.41 -16.45 -7.98
C LEU A 126 1.01 -16.19 -6.53
N HIS A 127 1.75 -16.76 -5.61
CA HIS A 127 1.49 -16.52 -4.19
C HIS A 127 2.79 -16.27 -3.48
N PHE A 128 2.90 -15.17 -2.75
CA PHE A 128 4.10 -15.06 -1.95
C PHE A 128 3.76 -14.62 -0.58
N VAL A 129 4.54 -15.04 0.40
CA VAL A 129 4.26 -14.55 1.73
C VAL A 129 5.52 -14.19 2.46
N PHE A 130 5.57 -12.99 3.02
CA PHE A 130 6.72 -12.59 3.83
C PHE A 130 6.23 -12.40 5.25
N ASN A 131 6.63 -13.27 6.17
CA ASN A 131 6.29 -12.97 7.58
C ASN A 131 7.52 -12.51 8.28
N GLN A 132 8.66 -12.69 7.67
CA GLN A 132 9.88 -12.20 8.23
C GLN A 132 10.64 -11.66 6.99
N PHE A 133 11.10 -10.42 6.98
CA PHE A 133 11.87 -9.91 5.85
C PHE A 133 13.38 -9.99 6.21
N SER A 134 14.24 -10.19 5.19
CA SER A 134 15.68 -10.26 5.40
C SER A 134 16.39 -8.95 5.00
N LYS A 135 17.61 -8.78 5.53
CA LYS A 135 18.49 -7.65 5.24
C LYS A 135 18.62 -7.67 3.77
N ASP A 136 18.75 -8.85 3.21
CA ASP A 136 19.01 -8.80 1.80
C ASP A 136 17.90 -9.47 1.03
N GLN A 137 16.72 -8.85 1.01
CA GLN A 137 15.58 -9.51 0.46
C GLN A 137 15.56 -9.63 -1.05
N LYS A 138 16.13 -10.67 -1.63
CA LYS A 138 16.35 -10.60 -3.05
C LYS A 138 15.13 -10.76 -3.92
N ASP A 139 13.95 -10.96 -3.34
CA ASP A 139 12.72 -11.02 -4.11
C ASP A 139 11.88 -9.77 -3.92
N LEU A 140 12.45 -8.77 -3.25
CA LEU A 140 11.82 -7.48 -3.10
C LEU A 140 12.69 -6.39 -3.78
N ILE A 141 12.10 -5.57 -4.65
CA ILE A 141 12.74 -4.41 -5.27
C ILE A 141 12.49 -3.32 -4.28
N LEU A 142 13.51 -2.83 -3.54
CA LEU A 142 13.28 -1.66 -2.60
C LEU A 142 13.47 -0.31 -3.25
N GLN A 143 12.66 0.66 -2.91
CA GLN A 143 12.78 1.91 -3.60
C GLN A 143 12.69 3.10 -2.66
N GLY A 144 13.50 4.12 -2.93
CA GLY A 144 13.50 5.29 -2.05
C GLY A 144 14.05 4.99 -0.68
N ASP A 145 13.27 5.29 0.37
CA ASP A 145 13.80 5.04 1.71
C ASP A 145 13.67 3.62 2.30
N ALA A 146 12.90 2.77 1.63
CA ALA A 146 12.52 1.45 2.15
C ALA A 146 13.76 0.60 2.44
N THR A 147 13.86 0.00 3.61
CA THR A 147 14.90 -1.01 3.82
C THR A 147 14.28 -2.16 4.57
N THR A 148 14.94 -3.32 4.56
CA THR A 148 14.44 -4.48 5.33
C THR A 148 15.48 -4.85 6.34
N GLY A 149 15.13 -5.72 7.25
CA GLY A 149 16.14 -6.48 8.00
C GLY A 149 16.54 -5.54 9.08
N THR A 150 17.11 -6.07 10.15
CA THR A 150 17.41 -7.48 10.33
C THR A 150 16.53 -7.88 11.51
N ASP A 151 15.57 -7.04 11.88
CA ASP A 151 14.61 -7.46 12.84
C ASP A 151 13.36 -7.89 12.05
N GLY A 152 13.58 -8.35 10.85
CA GLY A 152 12.56 -9.08 10.20
C GLY A 152 11.49 -8.15 9.72
N ASN A 153 11.73 -6.83 9.74
CA ASN A 153 10.72 -5.87 9.24
C ASN A 153 11.02 -5.17 7.92
N LEU A 154 10.04 -4.57 7.31
CA LEU A 154 10.28 -3.77 6.13
C LEU A 154 10.01 -2.35 6.54
N GLU A 155 11.03 -1.50 6.62
CA GLU A 155 10.63 -0.13 7.00
C GLU A 155 10.63 0.62 5.67
N LEU A 156 9.45 0.98 5.23
CA LEU A 156 9.27 1.59 3.90
C LEU A 156 9.75 3.03 3.96
N THR A 157 9.69 3.70 5.13
CA THR A 157 10.20 5.09 5.25
C THR A 157 11.37 5.25 6.20
N ARG A 158 12.37 6.00 5.76
CA ARG A 158 13.57 6.25 6.61
C ARG A 158 13.28 6.35 8.10
N VAL A 159 13.81 5.42 8.88
CA VAL A 159 13.80 5.54 10.31
C VAL A 159 15.19 5.79 10.81
N SER A 160 15.28 6.21 12.06
CA SER A 160 16.50 6.77 12.58
C SER A 160 16.82 6.05 13.88
N SER A 161 18.07 5.98 14.17
CA SER A 161 18.55 5.14 15.25
C SER A 161 17.69 5.02 16.52
N ASN A 162 17.53 6.08 17.30
CA ASN A 162 16.85 5.85 18.59
C ASN A 162 15.44 5.23 18.52
N GLY A 163 15.01 5.02 17.28
CA GLY A 163 13.74 4.40 16.88
C GLY A 163 12.78 5.36 16.15
N SER A 164 13.30 6.22 15.26
CA SER A 164 12.61 7.46 14.86
C SER A 164 12.26 7.82 13.42
N PRO A 165 10.92 7.86 13.16
CA PRO A 165 10.34 8.28 11.91
C PRO A 165 10.83 9.66 11.56
N GLN A 166 11.54 9.79 10.45
CA GLN A 166 11.86 11.08 9.88
C GLN A 166 10.77 11.55 8.90
N GLY A 167 10.89 12.80 8.40
CA GLY A 167 9.92 13.42 7.49
C GLY A 167 10.41 13.44 6.05
N SER A 168 9.57 13.93 5.15
CA SER A 168 10.06 14.03 3.80
C SER A 168 10.68 12.73 3.28
N SER A 169 10.11 11.59 3.68
CA SER A 169 10.58 10.23 3.34
C SER A 169 9.59 9.43 2.51
N VAL A 170 10.04 8.80 1.46
CA VAL A 170 9.19 7.88 0.78
C VAL A 170 10.00 6.60 0.56
N GLY A 171 9.30 5.50 0.26
CA GLY A 171 9.93 4.19 0.12
C GLY A 171 8.89 3.20 -0.37
N ARG A 172 9.29 2.22 -1.18
CA ARG A 172 8.28 1.22 -1.47
C ARG A 172 9.01 -0.04 -1.67
N ALA A 173 8.28 -1.13 -1.64
CA ALA A 173 8.89 -2.41 -1.91
C ALA A 173 7.92 -3.02 -2.89
N LEU A 174 8.38 -3.42 -4.07
CA LEU A 174 7.58 -4.19 -4.98
C LEU A 174 8.09 -5.65 -4.98
N PHE A 175 7.21 -6.59 -5.25
CA PHE A 175 7.67 -7.97 -5.33
C PHE A 175 8.48 -8.08 -6.61
N TYR A 176 9.44 -8.99 -6.68
CA TYR A 176 10.44 -8.80 -7.74
C TYR A 176 9.83 -9.23 -9.06
N ALA A 177 8.95 -10.22 -8.93
CA ALA A 177 8.49 -10.90 -10.10
C ALA A 177 7.24 -10.20 -10.64
N PRO A 178 7.20 -10.02 -11.96
CA PRO A 178 6.04 -9.27 -12.30
C PRO A 178 4.83 -10.25 -12.16
N VAL A 179 3.64 -9.75 -12.00
CA VAL A 179 2.46 -10.55 -11.90
C VAL A 179 1.56 -10.39 -13.12
N HIS A 180 0.94 -11.50 -13.55
CA HIS A 180 -0.01 -11.50 -14.62
C HIS A 180 -1.39 -11.42 -14.04
N ILE A 181 -1.86 -10.20 -14.02
CA ILE A 181 -2.90 -9.84 -13.06
C ILE A 181 -4.20 -9.99 -13.75
N TRP A 182 -4.18 -9.96 -15.08
CA TRP A 182 -5.36 -10.35 -15.84
C TRP A 182 -4.97 -10.90 -17.15
N GLU A 183 -5.92 -11.53 -17.78
CA GLU A 183 -5.68 -12.25 -19.00
C GLU A 183 -7.08 -12.43 -19.56
N SER A 184 -7.33 -11.92 -20.75
CA SER A 184 -8.74 -11.77 -21.14
C SER A 184 -9.50 -13.08 -21.33
N SER A 185 -8.81 -14.18 -21.57
CA SER A 185 -9.52 -15.44 -21.63
C SER A 185 -9.70 -16.02 -20.23
N ALA A 186 -9.17 -15.38 -19.21
CA ALA A 186 -9.38 -15.89 -17.85
C ALA A 186 -10.86 -15.82 -17.38
N VAL A 187 -11.40 -16.90 -16.88
CA VAL A 187 -12.74 -16.76 -16.40
C VAL A 187 -12.69 -15.91 -15.11
N VAL A 188 -11.71 -16.23 -14.27
CA VAL A 188 -11.44 -15.56 -12.96
C VAL A 188 -10.00 -15.01 -12.89
N ALA A 189 -9.92 -13.72 -12.61
CA ALA A 189 -8.62 -13.18 -12.33
C ALA A 189 -8.80 -12.42 -10.99
N SER A 190 -8.28 -13.00 -9.93
CA SER A 190 -8.53 -12.47 -8.62
C SER A 190 -7.17 -12.22 -7.98
N PHE A 191 -7.16 -11.42 -6.93
CA PHE A 191 -5.96 -11.31 -6.14
C PHE A 191 -6.43 -10.88 -4.76
N ASP A 192 -5.66 -11.31 -3.75
CA ASP A 192 -5.79 -10.68 -2.48
C ASP A 192 -4.38 -10.42 -1.99
N ALA A 193 -4.24 -9.50 -1.08
CA ALA A 193 -2.98 -9.16 -0.46
C ALA A 193 -3.32 -8.89 1.00
N THR A 194 -2.40 -9.11 1.87
CA THR A 194 -2.58 -8.90 3.26
C THR A 194 -1.25 -8.34 3.71
N PHE A 195 -1.24 -7.44 4.69
CA PHE A 195 0.03 -6.98 5.25
C PHE A 195 -0.29 -6.45 6.61
N THR A 196 0.71 -6.53 7.47
CA THR A 196 0.47 -6.04 8.78
C THR A 196 1.48 -4.99 8.95
N PHE A 197 1.15 -4.00 9.75
CA PHE A 197 2.01 -2.87 9.79
C PHE A 197 1.99 -2.30 11.16
N LEU A 198 2.91 -1.38 11.41
CA LEU A 198 2.99 -0.77 12.72
C LEU A 198 3.22 0.64 12.35
N ILE A 199 2.17 1.44 12.49
CA ILE A 199 2.38 2.86 12.31
C ILE A 199 2.53 3.47 13.70
N LYS A 200 3.70 3.99 13.96
CA LYS A 200 3.81 4.65 15.23
C LYS A 200 4.29 6.09 15.10
N SER A 201 3.76 6.89 15.99
CA SER A 201 4.20 8.29 16.00
C SER A 201 4.11 8.92 17.38
N SER A 202 5.01 9.83 17.65
CA SER A 202 4.79 10.67 18.81
C SER A 202 4.60 12.13 18.32
N ASP A 203 4.66 12.34 17.00
CA ASP A 203 4.38 13.67 16.40
C ASP A 203 3.03 14.16 16.87
N SER A 204 2.80 15.46 16.76
CA SER A 204 1.50 16.05 17.03
C SER A 204 0.42 15.37 16.17
N HIS A 205 0.77 14.96 14.94
CA HIS A 205 -0.13 14.13 14.06
C HIS A 205 0.68 13.16 13.23
N PRO A 206 0.27 11.87 13.17
CA PRO A 206 1.09 11.08 12.26
C PRO A 206 0.77 11.37 10.85
N ALA A 207 1.72 11.07 9.99
CA ALA A 207 1.50 11.12 8.59
C ALA A 207 2.54 10.20 7.98
N ASP A 208 2.37 9.83 6.73
CA ASP A 208 1.16 10.15 5.94
C ASP A 208 0.41 8.89 5.62
N GLY A 209 1.11 7.75 5.62
CA GLY A 209 0.40 6.52 5.43
C GLY A 209 1.10 5.38 4.75
N ILE A 210 0.35 4.27 4.61
CA ILE A 210 0.83 3.05 3.92
C ILE A 210 -0.12 2.74 2.79
N ALA A 211 0.37 2.47 1.58
CA ALA A 211 -0.45 1.88 0.57
C ALA A 211 -0.09 0.50 0.06
N PHE A 212 -1.10 -0.30 -0.22
CA PHE A 212 -0.83 -1.42 -1.13
C PHE A 212 -1.13 -0.96 -2.57
N PHE A 213 -0.23 -1.32 -3.48
CA PHE A 213 -0.38 -0.87 -4.87
C PHE A 213 0.00 -1.92 -5.91
N ILE A 214 -0.63 -1.76 -7.06
CA ILE A 214 -0.34 -2.47 -8.29
C ILE A 214 -0.08 -1.35 -9.29
N SER A 215 0.98 -1.51 -10.08
CA SER A 215 1.34 -0.61 -11.12
C SER A 215 2.04 -1.38 -12.22
N ASN A 216 2.26 -0.66 -13.30
CA ASN A 216 3.09 -1.17 -14.38
C ASN A 216 4.38 -1.67 -13.83
N ILE A 217 4.92 -2.67 -14.50
CA ILE A 217 6.04 -3.43 -13.95
C ILE A 217 7.27 -2.52 -13.71
N ASP A 218 7.54 -1.63 -14.65
CA ASP A 218 8.66 -0.69 -14.47
C ASP A 218 8.34 0.48 -13.52
N SER A 219 7.30 0.42 -12.72
CA SER A 219 6.94 1.64 -12.01
C SER A 219 7.97 2.17 -10.98
N SER A 220 8.24 3.48 -10.92
CA SER A 220 9.10 3.94 -9.83
C SER A 220 8.38 4.96 -8.97
N ILE A 221 9.05 5.47 -7.94
CA ILE A 221 8.55 6.57 -7.16
C ILE A 221 8.48 7.84 -8.04
N PRO A 222 7.27 8.30 -8.35
CA PRO A 222 7.35 9.58 -9.08
C PRO A 222 8.11 10.62 -8.24
N SER A 223 8.73 11.62 -8.87
CA SER A 223 9.39 12.63 -8.01
C SER A 223 8.46 13.54 -7.22
N GLY A 224 9.05 14.01 -6.13
CA GLY A 224 8.39 14.74 -5.09
C GLY A 224 7.09 14.09 -4.71
N SER A 225 7.14 12.80 -4.45
CA SER A 225 5.92 12.10 -4.11
C SER A 225 5.83 11.72 -2.65
N THR A 226 6.53 12.46 -1.79
CA THR A 226 6.49 12.17 -0.38
C THR A 226 5.19 12.69 0.26
N GLY A 227 5.14 12.74 1.58
CA GLY A 227 3.98 13.30 2.26
C GLY A 227 2.69 12.69 1.71
N ARG A 228 1.84 13.52 1.11
CA ARG A 228 0.47 13.17 0.81
C ARG A 228 0.24 12.36 -0.45
N LEU A 229 1.22 12.31 -1.34
CA LEU A 229 1.12 11.58 -2.58
C LEU A 229 1.54 10.11 -2.36
N LEU A 230 1.90 9.79 -1.14
CA LEU A 230 2.09 8.41 -0.69
C LEU A 230 3.10 7.57 -1.48
N GLY A 231 4.01 8.18 -2.23
CA GLY A 231 4.86 7.37 -3.03
C GLY A 231 4.24 6.74 -4.27
N LEU A 232 2.97 7.10 -4.52
CA LEU A 232 2.16 6.58 -5.65
C LEU A 232 2.03 7.54 -6.83
N PHE A 233 1.84 8.84 -6.57
CA PHE A 233 1.54 9.80 -7.66
C PHE A 233 2.42 11.06 -7.77
N PRO A 234 2.72 11.48 -9.00
CA PRO A 234 3.55 12.68 -9.35
C PRO A 234 2.91 13.92 -8.79
N ASP A 235 1.64 13.80 -8.50
CA ASP A 235 0.88 14.98 -8.09
C ASP A 235 -0.48 14.53 -7.60
N ALA A 236 -1.29 15.51 -7.20
CA ALA A 236 -2.56 15.22 -6.57
C ALA A 236 -3.80 15.38 -7.47
N ASN A 237 -3.63 15.14 -8.78
CA ASN A 237 -4.73 15.17 -9.72
C ASN A 237 -5.68 14.03 -9.50
CA CA B . -3.56 12.12 3.02
MN MN C . -6.41 9.92 1.31
N1 IND D . -0.57 18.82 1.09
C2 IND D . 0.53 19.22 1.82
C3 IND D . 0.13 19.89 2.98
C4 IND D . -2.27 20.31 3.86
C5 IND D . -3.65 20.13 3.58
C6 IND D . -4.04 19.50 2.38
C7 IND D . -3.09 18.99 1.46
C8 IND D . -1.74 19.15 1.73
C9 IND D . -1.31 19.82 2.93
C IAC E . -0.96 -16.39 7.83
C1 IAC E . -0.72 -15.27 8.77
C2 IAC E . -1.26 -15.32 10.09
C3 IAC E . -2.07 -16.43 10.39
C4 IAC E . -2.30 -17.47 9.47
C5 IAC E . -1.75 -17.47 8.18
C7 IAC E . 0.21 -14.31 8.07
C8 IAC E . 0.18 -14.71 6.57
C17 IAC E . 0.14 -12.79 8.34
C18 IAC E . 1.55 -12.48 8.87
N IAC E . -0.31 -16.12 6.65
O2 IAC E . 1.76 -12.05 10.05
O3 IAC E . 2.52 -12.74 8.07
#